data_9QK5
#
_entry.id   9QK5
#
_cell.length_a   90.066
_cell.length_b   90.066
_cell.length_c   51.402
_cell.angle_alpha   90.000
_cell.angle_beta   90.000
_cell.angle_gamma   120.000
#
_symmetry.space_group_name_H-M   'P 32 2 1'
#
loop_
_entity.id
_entity.type
_entity.pdbx_description
1 polymer SlPYL1-NIO
2 non-polymer 'CAFFEIC ACID'
3 non-polymer 'DIMETHYL SULFOXIDE'
4 non-polymer 'SULFATE ION'
5 water water
#
_entity_poly.entity_id   1
_entity_poly.type   'polypeptide(L)'
_entity_poly.pdbx_seq_one_letter_code
;MDNKPETSLDNPVHQRSEPGSETGSSLSTITTHHLTVPPGLTPEEFQELSSSIAEFHSYRINPGQCSSLLAQRIHAPVET
VWTVVRRFDKPQTYKHFIKSCSVGEDFRMTVGSTRDVTVISGLPAATSTERLDILDDDRHVTGFSIIGGEHRLRNYRSVT
TVHGFERDGEIWTVVLESYVVDVPEGNTEEDTRLFADTVVKLNLQKLASVTETLAREAGNGSVNSRDASHRS
;
_entity_poly.pdbx_strand_id   A
#
loop_
_chem_comp.id
_chem_comp.type
_chem_comp.name
_chem_comp.formula
DHC non-polymer 'CAFFEIC ACID' 'C9 H8 O4'
DMS non-polymer 'DIMETHYL SULFOXIDE' 'C2 H6 O S'
SO4 non-polymer 'SULFATE ION' 'O4 S -2'
#
# COMPACT_ATOMS: atom_id res chain seq x y z
N LEU A 27 20.90 -13.21 11.36
CA LEU A 27 19.57 -13.78 11.24
C LEU A 27 18.52 -12.71 10.93
N SER A 28 17.45 -12.66 11.73
CA SER A 28 16.37 -11.72 11.49
C SER A 28 16.69 -10.37 12.08
N THR A 29 16.18 -9.32 11.45
CA THR A 29 16.37 -7.95 11.92
C THR A 29 15.04 -7.23 11.88
N ILE A 30 14.97 -6.11 12.56
CA ILE A 30 13.78 -5.27 12.58
C ILE A 30 13.98 -4.11 11.62
N THR A 31 12.96 -3.81 10.82
CA THR A 31 13.02 -2.67 9.93
C THR A 31 13.13 -1.38 10.74
N THR A 32 13.64 -0.34 10.10
CA THR A 32 13.87 0.95 10.75
C THR A 32 13.03 2.06 10.16
N HIS A 33 11.94 1.70 9.45
CA HIS A 33 11.08 2.69 8.83
C HIS A 33 10.55 3.71 9.83
N HIS A 34 10.36 3.28 11.07
CA HIS A 34 9.79 4.12 12.11
C HIS A 34 10.82 5.04 12.76
N LEU A 35 12.07 5.03 12.30
CA LEU A 35 13.12 5.80 12.96
C LEU A 35 13.68 6.92 12.09
N THR A 36 13.27 7.03 10.83
CA THR A 36 13.74 8.07 9.93
C THR A 36 12.55 8.59 9.15
N VAL A 37 12.70 9.78 8.59
CA VAL A 37 11.63 10.40 7.81
C VAL A 37 11.64 9.77 6.43
N PRO A 38 10.57 9.10 6.00
CA PRO A 38 10.53 8.58 4.63
C PRO A 38 10.36 9.73 3.65
N PRO A 39 10.79 9.57 2.41
CA PRO A 39 10.66 10.66 1.43
C PRO A 39 9.20 11.01 1.19
N GLY A 40 8.95 12.29 0.93
CA GLY A 40 7.59 12.74 0.76
C GLY A 40 6.85 12.99 2.05
N LEU A 41 7.54 13.01 3.18
CA LEU A 41 6.96 13.36 4.48
C LEU A 41 7.81 14.46 5.09
N THR A 42 7.17 15.40 5.78
CA THR A 42 7.94 16.41 6.50
C THR A 42 8.33 15.88 7.86
N PRO A 43 9.36 16.46 8.48
CA PRO A 43 9.67 16.06 9.87
C PRO A 43 8.49 16.22 10.80
N GLU A 44 7.72 17.31 10.66
CA GLU A 44 6.53 17.51 11.48
C GLU A 44 5.55 16.37 11.31
N GLU A 45 5.28 15.98 10.06
CA GLU A 45 4.39 14.86 9.83
C GLU A 45 4.94 13.58 10.44
N PHE A 46 6.24 13.34 10.25
CA PHE A 46 6.84 12.14 10.83
C PHE A 46 6.62 12.10 12.34
N GLN A 47 6.79 13.24 13.01
CA GLN A 47 6.68 13.24 14.46
C GLN A 47 5.29 12.81 14.93
N GLU A 48 4.26 13.14 14.15
CA GLU A 48 2.89 12.72 14.44
C GLU A 48 2.63 11.28 14.05
N LEU A 49 3.44 10.70 13.17
CA LEU A 49 3.16 9.38 12.64
C LEU A 49 4.11 8.30 13.16
N SER A 50 5.14 8.66 13.92
CA SER A 50 6.15 7.67 14.26
C SER A 50 5.57 6.49 15.04
N SER A 51 4.57 6.74 15.88
CA SER A 51 3.98 5.65 16.64
C SER A 51 3.20 4.72 15.72
N SER A 52 2.50 5.27 14.73
CA SER A 52 1.77 4.46 13.77
C SER A 52 2.71 3.65 12.90
N ILE A 53 3.84 4.23 12.51
CA ILE A 53 4.83 3.49 11.71
C ILE A 53 5.39 2.33 12.51
N ALA A 54 5.68 2.56 13.79
CA ALA A 54 6.14 1.46 14.62
C ALA A 54 5.11 0.35 14.71
N GLU A 55 3.83 0.72 14.87
CA GLU A 55 2.78 -0.27 15.11
C GLU A 55 2.41 -1.04 13.85
N PHE A 56 2.31 -0.35 12.70
CA PHE A 56 1.76 -0.95 11.50
C PHE A 56 2.76 -1.15 10.38
N HIS A 57 3.93 -0.50 10.42
CA HIS A 57 4.88 -0.51 9.32
C HIS A 57 6.26 -0.98 9.76
N SER A 58 6.30 -1.88 10.73
CA SER A 58 7.54 -2.49 11.16
C SER A 58 7.42 -3.98 10.94
N TYR A 59 8.54 -4.59 10.50
CA TYR A 59 8.57 -5.98 10.13
C TYR A 59 9.84 -6.62 10.67
N ARG A 60 9.78 -7.92 10.93
CA ARG A 60 10.97 -8.71 11.18
C ARG A 60 11.33 -9.38 9.87
N ILE A 61 12.50 -9.04 9.33
CA ILE A 61 12.89 -9.49 8.00
C ILE A 61 14.07 -10.45 8.12
N ASN A 62 14.20 -11.29 7.10
CA ASN A 62 15.23 -12.32 7.03
C ASN A 62 16.15 -12.04 5.86
N PRO A 63 17.35 -12.64 5.84
CA PRO A 63 18.19 -12.55 4.64
C PRO A 63 17.39 -13.01 3.44
N GLY A 64 17.52 -12.29 2.34
CA GLY A 64 16.76 -12.58 1.14
C GLY A 64 15.44 -11.85 1.04
N GLN A 65 15.12 -11.01 2.03
CA GLN A 65 13.92 -10.19 1.97
C GLN A 65 14.31 -8.72 2.00
N CYS A 66 13.43 -7.87 1.48
CA CYS A 66 13.63 -6.45 1.63
C CYS A 66 12.32 -5.79 2.01
N SER A 67 12.42 -4.55 2.49
CA SER A 67 11.25 -3.87 3.00
C SER A 67 11.44 -2.38 2.83
N SER A 68 10.33 -1.68 2.56
CA SER A 68 10.38 -0.25 2.35
C SER A 68 9.10 0.38 2.88
N LEU A 69 9.18 1.68 3.16
CA LEU A 69 8.02 2.50 3.53
C LEU A 69 7.95 3.69 2.60
N LEU A 70 6.79 3.88 1.98
CA LEU A 70 6.54 5.01 1.09
C LEU A 70 5.42 5.88 1.65
N ALA A 71 5.46 7.17 1.33
CA ALA A 71 4.49 8.12 1.83
C ALA A 71 3.97 8.98 0.70
N GLN A 72 2.69 9.38 0.81
CA GLN A 72 2.07 10.26 -0.17
C GLN A 72 1.15 11.23 0.54
N ARG A 73 1.41 12.53 0.36
CA ARG A 73 0.50 13.56 0.84
C ARG A 73 -0.65 13.74 -0.16
N ILE A 74 -1.87 13.89 0.37
CA ILE A 74 -3.05 14.04 -0.46
C ILE A 74 -3.88 15.20 0.09
N HIS A 75 -4.31 16.11 -0.80
CA HIS A 75 -5.10 17.26 -0.37
C HIS A 75 -6.58 16.89 -0.43
N ALA A 76 -6.98 16.06 0.53
CA ALA A 76 -8.35 15.60 0.65
C ALA A 76 -8.56 15.11 2.08
N PRO A 77 -9.81 15.05 2.55
CA PRO A 77 -10.05 14.56 3.92
C PRO A 77 -9.77 13.06 4.03
N VAL A 78 -9.44 12.65 5.26
CA VAL A 78 -9.09 11.24 5.51
C VAL A 78 -10.15 10.29 4.99
N GLU A 79 -11.42 10.56 5.28
CA GLU A 79 -12.44 9.57 4.96
C GLU A 79 -12.67 9.49 3.45
N THR A 80 -12.41 10.57 2.73
CA THR A 80 -12.46 10.52 1.29
C THR A 80 -11.38 9.61 0.73
N VAL A 81 -10.16 9.72 1.25
CA VAL A 81 -9.08 8.83 0.83
C VAL A 81 -9.39 7.40 1.23
N TRP A 82 -9.84 7.21 2.48
CA TRP A 82 -10.07 5.86 2.99
C TRP A 82 -11.16 5.13 2.20
N THR A 83 -12.19 5.85 1.74
CA THR A 83 -13.25 5.22 0.96
C THR A 83 -12.70 4.52 -0.27
N VAL A 84 -11.64 5.06 -0.88
CA VAL A 84 -11.00 4.40 -2.02
C VAL A 84 -10.01 3.33 -1.57
N VAL A 85 -9.12 3.66 -0.62
CA VAL A 85 -8.09 2.73 -0.13
C VAL A 85 -8.70 1.39 0.29
N ARG A 86 -9.84 1.44 0.95
CA ARG A 86 -10.38 0.25 1.59
C ARG A 86 -11.06 -0.72 0.63
N ARG A 87 -11.28 -0.35 -0.63
CA ARG A 87 -12.03 -1.18 -1.57
C ARG A 87 -11.14 -2.29 -2.10
N PHE A 88 -11.00 -3.35 -1.29
CA PHE A 88 -10.17 -4.49 -1.64
C PHE A 88 -10.58 -5.11 -2.97
N ASP A 89 -11.87 -5.08 -3.28
CA ASP A 89 -12.37 -5.67 -4.52
C ASP A 89 -12.06 -4.85 -5.76
N LYS A 90 -11.60 -3.59 -5.63
CA LYS A 90 -11.41 -2.70 -6.77
C LYS A 90 -10.05 -2.01 -6.73
N PRO A 91 -8.95 -2.78 -6.72
CA PRO A 91 -7.63 -2.14 -6.68
C PRO A 91 -7.35 -1.31 -7.91
N GLN A 92 -7.99 -1.62 -9.05
CA GLN A 92 -7.79 -0.86 -10.27
C GLN A 92 -8.26 0.58 -10.13
N THR A 93 -9.03 0.90 -9.08
CA THR A 93 -9.47 2.27 -8.84
C THR A 93 -8.30 3.19 -8.52
N TYR A 94 -7.22 2.66 -7.94
N TYR A 94 -7.22 2.66 -7.94
CA TYR A 94 -6.07 3.51 -7.66
CA TYR A 94 -6.07 3.51 -7.66
C TYR A 94 -4.73 2.93 -8.07
C TYR A 94 -4.73 2.93 -8.07
N LYS A 95 -4.68 1.71 -8.56
CA LYS A 95 -3.42 1.11 -8.98
C LYS A 95 -3.35 1.08 -10.50
N HIS A 96 -2.13 1.19 -11.00
CA HIS A 96 -1.83 1.01 -12.41
C HIS A 96 -1.56 -0.46 -12.72
N PHE A 97 -1.57 -0.79 -14.01
CA PHE A 97 -1.17 -2.10 -14.51
C PHE A 97 -2.11 -3.23 -14.10
N ILE A 98 -3.37 -2.93 -13.79
CA ILE A 98 -4.36 -3.96 -13.46
C ILE A 98 -5.19 -4.22 -14.71
N LYS A 99 -5.06 -5.42 -15.28
CA LYS A 99 -5.93 -5.81 -16.39
C LYS A 99 -7.33 -6.14 -15.89
N SER A 100 -7.42 -6.91 -14.80
CA SER A 100 -8.71 -7.23 -14.23
C SER A 100 -8.52 -7.63 -12.78
N CYS A 101 -9.62 -7.64 -12.05
CA CYS A 101 -9.62 -8.12 -10.67
C CYS A 101 -10.98 -8.74 -10.40
N SER A 102 -10.98 -9.99 -9.93
CA SER A 102 -12.21 -10.70 -9.65
C SER A 102 -12.24 -11.15 -8.20
N VAL A 103 -13.43 -11.06 -7.60
CA VAL A 103 -13.66 -11.58 -6.26
C VAL A 103 -14.77 -12.62 -6.22
N GLY A 104 -15.47 -12.83 -7.32
CA GLY A 104 -16.51 -13.85 -7.36
C GLY A 104 -17.74 -13.51 -6.54
N GLU A 105 -18.82 -14.24 -6.76
CA GLU A 105 -20.07 -13.95 -6.08
C GLU A 105 -19.95 -14.20 -4.59
N ASP A 106 -20.81 -13.53 -3.82
CA ASP A 106 -20.86 -13.62 -2.37
C ASP A 106 -19.64 -12.99 -1.67
N PHE A 107 -18.91 -12.13 -2.35
CA PHE A 107 -17.78 -11.45 -1.72
C PHE A 107 -18.27 -10.51 -0.63
N ARG A 108 -17.69 -10.63 0.55
CA ARG A 108 -17.90 -9.68 1.64
C ARG A 108 -16.57 -9.03 1.96
N MET A 109 -16.63 -7.74 2.31
CA MET A 109 -15.43 -6.99 2.71
C MET A 109 -15.05 -7.43 4.13
N THR A 110 -14.36 -8.57 4.22
CA THR A 110 -13.95 -9.12 5.50
C THR A 110 -12.56 -9.72 5.39
N VAL A 111 -11.82 -9.65 6.50
CA VAL A 111 -10.47 -10.20 6.54
C VAL A 111 -10.53 -11.69 6.22
N GLY A 112 -9.58 -12.14 5.38
CA GLY A 112 -9.53 -13.50 4.91
C GLY A 112 -9.99 -13.68 3.47
N SER A 113 -10.77 -12.73 2.95
CA SER A 113 -11.23 -12.78 1.57
C SER A 113 -10.04 -12.69 0.61
N THR A 114 -10.25 -13.19 -0.59
CA THR A 114 -9.21 -13.14 -1.61
C THR A 114 -9.72 -12.45 -2.86
N ARG A 115 -8.77 -11.96 -3.64
CA ARG A 115 -9.06 -11.44 -4.97
C ARG A 115 -8.05 -12.03 -5.94
N ASP A 116 -8.46 -12.18 -7.19
CA ASP A 116 -7.58 -12.64 -8.26
C ASP A 116 -7.29 -11.43 -9.15
N VAL A 117 -6.04 -10.99 -9.15
CA VAL A 117 -5.62 -9.80 -9.91
C VAL A 117 -4.82 -10.26 -11.12
N THR A 118 -5.21 -9.81 -12.30
CA THR A 118 -4.42 -10.07 -13.50
C THR A 118 -3.63 -8.80 -13.81
N VAL A 119 -2.31 -8.91 -13.79
CA VAL A 119 -1.43 -7.75 -13.92
C VAL A 119 -1.01 -7.60 -15.37
N ILE A 120 -0.97 -6.36 -15.83
CA ILE A 120 -0.49 -6.02 -17.17
C ILE A 120 1.03 -6.13 -17.11
N SER A 121 1.57 -7.18 -17.73
CA SER A 121 2.97 -7.53 -17.57
C SER A 121 3.73 -7.67 -18.89
N GLY A 122 3.07 -7.59 -20.03
CA GLY A 122 3.78 -7.79 -21.29
C GLY A 122 4.21 -9.23 -21.50
N LEU A 123 3.94 -10.06 -20.52
CA LEU A 123 4.14 -11.50 -20.56
C LEU A 123 2.76 -12.16 -20.61
N PRO A 124 2.71 -13.47 -20.87
CA PRO A 124 1.40 -14.14 -20.92
C PRO A 124 0.67 -13.99 -19.60
N ALA A 125 -0.61 -13.63 -19.69
CA ALA A 125 -1.37 -13.23 -18.51
C ALA A 125 -1.56 -14.39 -17.55
N ALA A 126 -1.30 -14.13 -16.27
CA ALA A 126 -1.56 -15.10 -15.21
C ALA A 126 -2.50 -14.50 -14.18
N THR A 127 -2.23 -14.76 -12.90
CA THR A 127 -3.13 -14.29 -11.85
C THR A 127 -2.34 -14.20 -10.56
N SER A 128 -2.37 -13.03 -9.92
CA SER A 128 -1.88 -12.87 -8.56
C SER A 128 -3.07 -13.05 -7.62
N THR A 129 -3.03 -14.11 -6.79
CA THR A 129 -4.05 -14.33 -5.78
C THR A 129 -3.61 -13.62 -4.51
N GLU A 130 -4.48 -12.76 -3.98
CA GLU A 130 -4.12 -11.89 -2.86
C GLU A 130 -5.16 -12.00 -1.76
N ARG A 131 -4.73 -12.01 -0.51
CA ARG A 131 -5.62 -12.16 0.63
C ARG A 131 -5.68 -10.87 1.42
N LEU A 132 -6.89 -10.49 1.84
CA LEU A 132 -7.06 -9.33 2.70
C LEU A 132 -6.66 -9.70 4.12
N ASP A 133 -5.61 -9.05 4.64
CA ASP A 133 -5.05 -9.39 5.95
C ASP A 133 -5.60 -8.55 7.09
N ILE A 134 -5.89 -7.28 6.83
CA ILE A 134 -6.30 -6.32 7.84
C ILE A 134 -7.35 -5.40 7.21
N LEU A 135 -8.37 -5.06 7.99
CA LEU A 135 -9.30 -4.03 7.58
C LEU A 135 -9.89 -3.42 8.85
N ASP A 136 -9.43 -2.22 9.18
CA ASP A 136 -9.87 -1.49 10.38
C ASP A 136 -10.40 -0.15 9.88
N ASP A 137 -11.72 -0.01 9.82
CA ASP A 137 -12.34 1.23 9.36
C ASP A 137 -12.24 2.34 10.39
N ASP A 138 -12.04 2.01 11.66
CA ASP A 138 -11.90 3.04 12.69
C ASP A 138 -10.53 3.68 12.65
N ARG A 139 -9.49 2.84 12.54
CA ARG A 139 -8.12 3.32 12.56
C ARG A 139 -7.55 3.52 11.16
N HIS A 140 -8.30 3.16 10.11
CA HIS A 140 -7.89 3.37 8.72
C HIS A 140 -6.62 2.61 8.38
N VAL A 141 -6.66 1.30 8.62
CA VAL A 141 -5.57 0.38 8.32
C VAL A 141 -6.10 -0.72 7.44
N THR A 142 -5.38 -1.03 6.37
CA THR A 142 -5.66 -2.23 5.60
C THR A 142 -4.34 -2.84 5.16
N GLY A 143 -4.41 -4.07 4.67
CA GLY A 143 -3.20 -4.74 4.21
C GLY A 143 -3.55 -6.03 3.52
N PHE A 144 -2.60 -6.52 2.73
CA PHE A 144 -2.84 -7.74 1.99
C PHE A 144 -1.53 -8.47 1.76
N SER A 145 -1.67 -9.75 1.39
CA SER A 145 -0.55 -10.61 1.06
C SER A 145 -0.76 -11.24 -0.31
N ILE A 146 0.30 -11.35 -1.08
CA ILE A 146 0.24 -12.10 -2.34
C ILE A 146 0.54 -13.55 -1.99
N ILE A 147 -0.45 -14.42 -2.16
CA ILE A 147 -0.29 -15.81 -1.75
C ILE A 147 -0.02 -16.74 -2.92
N GLY A 148 -0.03 -16.24 -4.15
CA GLY A 148 0.43 -17.01 -5.30
C GLY A 148 0.39 -16.15 -6.55
N GLY A 149 1.17 -16.54 -7.55
CA GLY A 149 1.00 -15.82 -8.80
C GLY A 149 2.10 -15.72 -9.84
N GLU A 150 3.33 -16.13 -9.51
CA GLU A 150 4.42 -16.23 -10.50
C GLU A 150 4.74 -14.87 -11.13
N HIS A 151 5.27 -13.97 -10.31
CA HIS A 151 5.72 -12.68 -10.82
C HIS A 151 6.91 -12.21 -9.98
N ARG A 152 7.20 -10.92 -10.03
CA ARG A 152 8.41 -10.37 -9.46
C ARG A 152 8.30 -10.03 -7.97
N LEU A 153 7.16 -10.29 -7.35
CA LEU A 153 6.91 -9.90 -5.96
C LEU A 153 6.48 -11.13 -5.15
N ARG A 154 7.41 -12.07 -4.95
CA ARG A 154 7.10 -13.30 -4.25
C ARG A 154 6.99 -13.09 -2.74
N ASN A 155 5.94 -13.66 -2.15
CA ASN A 155 5.69 -13.52 -0.71
C ASN A 155 5.59 -12.06 -0.29
N TYR A 156 5.00 -11.25 -1.18
CA TYR A 156 4.77 -9.84 -0.87
C TYR A 156 3.68 -9.71 0.17
N ARG A 157 3.91 -8.81 1.14
CA ARG A 157 2.89 -8.45 2.11
C ARG A 157 3.01 -6.95 2.32
N SER A 158 1.89 -6.26 2.39
CA SER A 158 1.91 -4.81 2.52
C SER A 158 0.83 -4.35 3.48
N VAL A 159 1.05 -3.17 4.04
CA VAL A 159 0.10 -2.52 4.92
C VAL A 159 -0.01 -1.06 4.49
N THR A 160 -1.24 -0.54 4.48
CA THR A 160 -1.54 0.84 4.13
C THR A 160 -2.28 1.48 5.30
N THR A 161 -1.83 2.65 5.72
CA THR A 161 -2.53 3.42 6.75
C THR A 161 -2.78 4.83 6.23
N VAL A 162 -3.87 5.42 6.71
CA VAL A 162 -4.33 6.73 6.24
C VAL A 162 -4.47 7.63 7.46
N HIS A 163 -3.95 8.86 7.37
CA HIS A 163 -3.79 9.72 8.54
C HIS A 163 -4.21 11.15 8.22
N GLY A 164 -4.91 11.80 9.15
CA GLY A 164 -5.36 13.16 8.96
C GLY A 164 -4.44 14.19 9.59
N PHE A 165 -4.34 15.34 8.91
CA PHE A 165 -3.58 16.47 9.42
C PHE A 165 -4.40 17.74 9.28
N GLU A 166 -4.13 18.69 10.18
CA GLU A 166 -4.81 19.98 10.18
C GLU A 166 -3.83 21.07 10.55
N ARG A 167 -4.02 22.24 9.95
CA ARG A 167 -3.24 23.41 10.33
C ARG A 167 -4.06 24.64 9.96
N ASP A 168 -4.47 25.40 10.96
CA ASP A 168 -5.20 26.66 10.75
C ASP A 168 -6.44 26.45 9.88
N GLY A 169 -7.15 25.35 10.14
CA GLY A 169 -8.36 25.02 9.44
C GLY A 169 -8.17 24.27 8.14
N GLU A 170 -6.94 24.25 7.61
CA GLU A 170 -6.66 23.48 6.41
C GLU A 170 -6.48 22.02 6.79
N ILE A 171 -6.90 21.14 5.90
CA ILE A 171 -6.91 19.70 6.14
C ILE A 171 -6.19 18.99 5.01
N TRP A 172 -5.38 17.99 5.37
CA TRP A 172 -4.79 17.10 4.37
C TRP A 172 -4.67 15.70 4.95
N THR A 173 -4.22 14.78 4.11
CA THR A 173 -4.05 13.40 4.47
C THR A 173 -2.66 12.94 4.09
N VAL A 174 -2.09 12.05 4.88
CA VAL A 174 -0.91 11.29 4.48
C VAL A 174 -1.27 9.81 4.42
N VAL A 175 -0.91 9.16 3.32
CA VAL A 175 -1.02 7.71 3.20
C VAL A 175 0.39 7.12 3.35
N LEU A 176 0.53 6.12 4.22
CA LEU A 176 1.77 5.38 4.39
C LEU A 176 1.54 3.98 3.85
N GLU A 177 2.46 3.48 3.06
CA GLU A 177 2.34 2.11 2.55
C GLU A 177 3.70 1.45 2.64
N SER A 178 3.76 0.33 3.35
CA SER A 178 5.02 -0.41 3.49
C SER A 178 4.82 -1.82 2.97
N TYR A 179 5.93 -2.51 2.72
CA TYR A 179 5.85 -3.89 2.27
C TYR A 179 7.09 -4.64 2.75
N VAL A 180 6.97 -5.96 2.73
CA VAL A 180 8.11 -6.87 2.74
C VAL A 180 7.94 -7.80 1.53
N VAL A 181 9.05 -8.19 0.91
CA VAL A 181 8.99 -9.02 -0.29
C VAL A 181 10.29 -9.81 -0.39
N ASP A 182 10.24 -10.95 -1.06
CA ASP A 182 11.43 -11.75 -1.29
C ASP A 182 12.24 -11.14 -2.43
N VAL A 183 13.55 -11.19 -2.30
CA VAL A 183 14.46 -10.80 -3.38
C VAL A 183 14.76 -12.06 -4.19
N PRO A 184 14.40 -12.11 -5.47
CA PRO A 184 14.59 -13.35 -6.24
C PRO A 184 16.07 -13.69 -6.38
N GLU A 185 16.34 -14.98 -6.57
CA GLU A 185 17.71 -15.41 -6.81
C GLU A 185 18.24 -14.71 -8.05
N GLY A 186 19.47 -14.21 -7.95
CA GLY A 186 20.07 -13.46 -9.03
C GLY A 186 19.86 -11.97 -8.97
N ASN A 187 18.90 -11.50 -8.15
CA ASN A 187 18.63 -10.09 -7.94
C ASN A 187 19.47 -9.56 -6.77
N THR A 188 19.81 -8.28 -6.85
CA THR A 188 20.28 -7.58 -5.68
C THR A 188 19.07 -7.04 -4.92
N GLU A 189 19.27 -6.69 -3.65
CA GLU A 189 18.19 -6.04 -2.91
C GLU A 189 17.75 -4.77 -3.61
N GLU A 190 18.71 -4.00 -4.14
CA GLU A 190 18.35 -2.77 -4.85
C GLU A 190 17.49 -3.07 -6.08
N ASP A 191 17.83 -4.12 -6.82
CA ASP A 191 17.00 -4.57 -7.95
C ASP A 191 15.53 -4.60 -7.56
N THR A 192 15.22 -5.35 -6.49
CA THR A 192 13.84 -5.57 -6.11
C THR A 192 13.24 -4.35 -5.46
N ARG A 193 13.98 -3.71 -4.57
CA ARG A 193 13.45 -2.58 -3.80
C ARG A 193 13.13 -1.40 -4.71
N LEU A 194 13.99 -1.12 -5.68
CA LEU A 194 13.72 -0.01 -6.58
C LEU A 194 12.48 -0.28 -7.42
N PHE A 195 12.28 -1.53 -7.84
CA PHE A 195 11.10 -1.86 -8.62
C PHE A 195 9.83 -1.77 -7.79
N ALA A 196 9.83 -2.41 -6.62
CA ALA A 196 8.64 -2.38 -5.77
C ALA A 196 8.33 -0.97 -5.30
N ASP A 197 9.36 -0.20 -4.92
CA ASP A 197 9.14 1.19 -4.55
C ASP A 197 8.51 1.99 -5.70
N THR A 198 9.01 1.79 -6.92
CA THR A 198 8.49 2.56 -8.05
C THR A 198 7.01 2.27 -8.28
N VAL A 199 6.63 0.98 -8.24
CA VAL A 199 5.23 0.60 -8.41
C VAL A 199 4.36 1.19 -7.32
N VAL A 200 4.77 1.05 -6.06
CA VAL A 200 3.99 1.61 -4.96
C VAL A 200 3.87 3.13 -5.10
N LYS A 201 4.99 3.81 -5.38
CA LYS A 201 4.95 5.26 -5.51
C LYS A 201 4.00 5.71 -6.62
N LEU A 202 4.04 5.03 -7.76
CA LEU A 202 3.16 5.42 -8.86
C LEU A 202 1.69 5.18 -8.51
N ASN A 203 1.39 4.07 -7.83
CA ASN A 203 0.02 3.81 -7.43
C ASN A 203 -0.46 4.83 -6.41
N LEU A 204 0.40 5.22 -5.47
CA LEU A 204 0.01 6.26 -4.51
C LEU A 204 -0.25 7.58 -5.21
N GLN A 205 0.50 7.89 -6.28
CA GLN A 205 0.23 9.12 -7.03
C GLN A 205 -1.14 9.04 -7.68
N LYS A 206 -1.50 7.88 -8.20
CA LYS A 206 -2.85 7.69 -8.75
C LYS A 206 -3.90 7.84 -7.67
N LEU A 207 -3.65 7.26 -6.49
CA LEU A 207 -4.57 7.42 -5.37
C LEU A 207 -4.76 8.90 -5.05
N ALA A 208 -3.67 9.66 -5.03
CA ALA A 208 -3.77 11.09 -4.73
C ALA A 208 -4.62 11.81 -5.77
N SER A 209 -4.40 11.52 -7.05
CA SER A 209 -5.17 12.17 -8.11
C SER A 209 -6.66 11.82 -8.00
N VAL A 210 -6.96 10.53 -7.84
CA VAL A 210 -8.35 10.08 -7.80
C VAL A 210 -9.10 10.71 -6.63
N THR A 211 -8.49 10.69 -5.44
CA THR A 211 -9.17 11.17 -4.26
C THR A 211 -9.21 12.69 -4.20
N GLU A 212 -8.20 13.38 -4.76
CA GLU A 212 -8.30 14.83 -4.85
C GLU A 212 -9.44 15.26 -5.77
N THR A 213 -9.66 14.51 -6.84
CA THR A 213 -10.79 14.79 -7.72
C THR A 213 -12.11 14.58 -7.00
N LEU A 214 -12.23 13.47 -6.28
CA LEU A 214 -13.44 13.20 -5.49
C LEU A 214 -13.68 14.31 -4.49
N ALA A 215 -12.62 14.79 -3.84
CA ALA A 215 -12.78 15.85 -2.85
C ALA A 215 -13.25 17.14 -3.49
N ARG A 216 -12.62 17.54 -4.60
CA ARG A 216 -12.97 18.82 -5.21
C ARG A 216 -14.39 18.82 -5.73
N GLU A 217 -14.94 17.66 -6.06
CA GLU A 217 -16.29 17.59 -6.62
C GLU A 217 -17.36 17.28 -5.59
N ALA A 218 -16.98 16.95 -4.36
CA ALA A 218 -17.91 16.71 -3.25
C ALA A 218 -18.82 15.53 -3.62
N GLY A 219 -20.11 15.59 -3.33
CA GLY A 219 -21.02 14.50 -3.63
C GLY A 219 -20.80 13.26 -2.78
C1 DHC B . 5.12 -7.62 -11.60
O1 DHC B . 5.13 -6.61 -12.33
C2 DHC B . 3.97 -7.74 -10.64
C3 DHC B . 3.23 -6.69 -10.31
C1' DHC B . 2.06 -6.72 -9.43
C2' DHC B . 1.24 -5.58 -9.33
C3' DHC B . 0.11 -5.59 -8.54
C4' DHC B . -0.19 -6.75 -7.83
C5' DHC B . 0.60 -7.88 -7.91
C6' DHC B . 1.72 -7.87 -8.72
O4' DHC B . -1.30 -6.66 -7.08
O3' DHC B . -0.67 -4.50 -8.43
O2 DHC B . 5.96 -8.56 -11.60
S DMS C . 2.07 -4.14 -6.09
O DMS C . 0.71 -3.75 -5.61
C1 DMS C . 2.29 -5.67 -5.16
C2 DMS C . 3.23 -3.09 -5.21
S SO4 D . -3.84 2.41 -15.70
O1 SO4 D . -3.79 3.25 -14.46
O2 SO4 D . -3.78 3.32 -16.89
O3 SO4 D . -2.70 1.42 -15.75
O4 SO4 D . -5.15 1.67 -15.71
#